data_4QHI
#
_entry.id   4QHI
#
_cell.length_a   37.690
_cell.length_b   101.090
_cell.length_c   76.470
_cell.angle_alpha   90.00
_cell.angle_beta   99.83
_cell.angle_gamma   90.00
#
_symmetry.space_group_name_H-M   'P 1 21 1'
#
loop_
_entity.id
_entity.type
_entity.pdbx_description
1 polymer 'Uncharacterized protein MJ1213'
2 non-polymer 'ZINC ION'
3 non-polymer GLYCEROL
4 non-polymer 'CHLORIDE ION'
5 water water
#
_entity_poly.entity_id   1
_entity_poly.type   'polypeptide(L)'
_entity_poly.pdbx_seq_one_letter_code
;MKDRKILNEILSNTINELNLNDKKANIKIKIKPLKWKIASISLTNKTIYINKNILPYLSDEEIRFILAHELLHLKYGKYH
INEFEEELLFLFPNKEAILINLINKLHQKK
;
_entity_poly.pdbx_strand_id   A,B,C,D
#
loop_
_chem_comp.id
_chem_comp.type
_chem_comp.name
_chem_comp.formula
CL non-polymer 'CHLORIDE ION' 'Cl -1'
GOL non-polymer GLYCEROL 'C3 H8 O3'
ZN non-polymer 'ZINC ION' 'Zn 2'
#
# COMPACT_ATOMS: atom_id res chain seq x y z
N LYS A 2 10.19 0.21 41.14
CA LYS A 2 9.80 0.74 39.83
C LYS A 2 10.60 0.05 38.68
N ASP A 3 10.83 0.79 37.55
CA ASP A 3 11.52 0.42 36.30
C ASP A 3 10.60 -0.47 35.41
N ARG A 4 10.14 -1.62 35.94
CA ARG A 4 9.21 -2.52 35.27
C ARG A 4 7.81 -1.99 35.56
N LYS A 5 7.61 -1.45 36.78
CA LYS A 5 6.36 -0.83 37.22
C LYS A 5 6.09 0.44 36.41
N ILE A 6 7.13 1.24 36.10
CA ILE A 6 6.97 2.48 35.35
C ILE A 6 6.59 2.16 33.88
N LEU A 7 7.20 1.10 33.30
CA LEU A 7 6.90 0.62 31.96
C LEU A 7 5.42 0.23 31.85
N ASN A 8 4.88 -0.52 32.84
CA ASN A 8 3.49 -0.96 32.89
C ASN A 8 2.55 0.22 33.02
N GLU A 9 2.98 1.27 33.77
CA GLU A 9 2.21 2.49 33.96
C GLU A 9 2.12 3.25 32.64
N ILE A 10 3.25 3.35 31.91
CA ILE A 10 3.34 4.02 30.62
C ILE A 10 2.51 3.26 29.57
N LEU A 11 2.59 1.91 29.54
CA LEU A 11 1.79 1.08 28.62
C LEU A 11 0.30 1.33 28.84
N SER A 12 -0.16 1.24 30.10
CA SER A 12 -1.55 1.44 30.47
C SER A 12 -2.04 2.86 30.11
N ASN A 13 -1.20 3.88 30.32
CA ASN A 13 -1.53 5.27 29.98
C ASN A 13 -1.60 5.49 28.46
N THR A 14 -0.73 4.83 27.68
CA THR A 14 -0.73 4.94 26.21
C THR A 14 -1.95 4.22 25.62
N ILE A 15 -2.31 3.02 26.13
CA ILE A 15 -3.51 2.28 25.70
C ILE A 15 -4.76 3.17 25.89
N ASN A 16 -4.87 3.83 27.06
CA ASN A 16 -6.00 4.70 27.43
C ASN A 16 -6.07 5.93 26.53
N GLU A 17 -4.93 6.60 26.34
CA GLU A 17 -4.72 7.78 25.51
C GLU A 17 -5.06 7.50 24.05
N LEU A 18 -4.71 6.30 23.56
CA LEU A 18 -4.92 5.86 22.18
C LEU A 18 -6.31 5.30 21.97
N ASN A 19 -7.13 5.23 23.03
CA ASN A 19 -8.50 4.72 23.02
C ASN A 19 -8.55 3.27 22.51
N LEU A 20 -7.73 2.41 23.14
CA LEU A 20 -7.63 0.98 22.85
C LEU A 20 -7.99 0.17 24.12
N ASN A 21 -8.80 0.79 25.02
CA ASN A 21 -9.33 0.23 26.28
C ASN A 21 -10.03 -1.11 26.04
N ASP A 22 -10.60 -1.29 24.82
CA ASP A 22 -11.24 -2.53 24.35
C ASP A 22 -10.17 -3.64 24.37
N LYS A 23 -10.28 -4.52 25.38
CA LYS A 23 -9.39 -5.65 25.67
C LYS A 23 -7.91 -5.19 25.86
N LYS A 24 -7.71 -4.37 26.89
CA LYS A 24 -6.42 -3.86 27.35
C LYS A 24 -5.68 -5.03 28.02
N ALA A 25 -6.44 -5.88 28.75
CA ALA A 25 -5.98 -7.08 29.47
C ALA A 25 -5.34 -8.09 28.51
N ASN A 26 -5.72 -8.03 27.23
CA ASN A 26 -5.17 -8.88 26.18
C ASN A 26 -3.81 -8.33 25.68
N ILE A 27 -3.51 -7.04 25.93
CA ILE A 27 -2.25 -6.41 25.49
C ILE A 27 -1.18 -6.73 26.52
N LYS A 28 -0.14 -7.44 26.07
CA LYS A 28 0.98 -7.88 26.91
C LYS A 28 2.29 -7.24 26.42
N ILE A 29 3.27 -7.16 27.31
CA ILE A 29 4.57 -6.61 27.03
C ILE A 29 5.63 -7.58 27.60
N LYS A 30 6.67 -7.87 26.79
CA LYS A 30 7.75 -8.76 27.19
C LYS A 30 9.08 -8.10 26.94
N ILE A 31 9.98 -8.23 27.92
CA ILE A 31 11.33 -7.70 27.86
C ILE A 31 12.22 -8.87 27.44
N LYS A 32 12.91 -8.69 26.32
CA LYS A 32 13.77 -9.71 25.71
C LYS A 32 14.92 -9.02 24.96
N PRO A 33 16.17 -9.52 25.01
CA PRO A 33 17.25 -8.88 24.22
C PRO A 33 16.95 -9.05 22.72
N LEU A 34 16.91 -7.93 21.96
CA LEU A 34 16.52 -7.93 20.53
C LEU A 34 17.59 -7.40 19.57
N LYS A 35 18.87 -7.66 19.86
CA LYS A 35 20.00 -7.23 19.04
C LYS A 35 19.98 -5.68 18.88
N TRP A 36 19.88 -5.18 17.64
CA TRP A 36 19.87 -3.76 17.39
C TRP A 36 18.46 -3.30 16.96
N LYS A 37 17.44 -4.02 17.41
CA LYS A 37 16.05 -3.63 17.19
C LYS A 37 15.57 -2.92 18.46
N ILE A 38 14.60 -2.04 18.37
CA ILE A 38 14.15 -1.32 19.57
C ILE A 38 12.95 -2.08 20.15
N ALA A 39 11.98 -2.40 19.28
CA ALA A 39 10.75 -3.08 19.64
C ALA A 39 10.12 -3.76 18.44
N SER A 40 9.14 -4.64 18.72
CA SER A 40 8.34 -5.38 17.75
C SER A 40 7.00 -5.73 18.38
N ILE A 41 6.02 -6.11 17.58
CA ILE A 41 4.71 -6.50 18.09
C ILE A 41 4.26 -7.76 17.36
N SER A 42 3.72 -8.72 18.13
CA SER A 42 3.08 -9.91 17.59
C SER A 42 1.60 -9.58 17.66
N LEU A 43 1.03 -9.20 16.51
CA LEU A 43 -0.36 -8.78 16.39
C LEU A 43 -1.34 -9.90 16.74
N THR A 44 -1.03 -11.16 16.38
CA THR A 44 -1.91 -12.29 16.69
C THR A 44 -1.95 -12.57 18.22
N ASN A 45 -0.84 -12.34 18.96
CA ASN A 45 -0.77 -12.59 20.40
C ASN A 45 -0.90 -11.30 21.24
N LYS A 46 -1.07 -10.13 20.58
CA LYS A 46 -1.18 -8.79 21.21
C LYS A 46 -0.02 -8.56 22.21
N THR A 47 1.19 -9.05 21.86
CA THR A 47 2.38 -8.90 22.69
C THR A 47 3.38 -7.95 22.02
N ILE A 48 3.80 -6.95 22.79
CA ILE A 48 4.86 -6.01 22.43
C ILE A 48 6.16 -6.54 23.00
N TYR A 49 7.21 -6.58 22.20
CA TYR A 49 8.54 -6.95 22.62
C TYR A 49 9.38 -5.69 22.69
N ILE A 50 10.02 -5.43 23.83
CA ILE A 50 10.87 -4.26 23.97
C ILE A 50 12.30 -4.77 24.28
N ASN A 51 13.31 -4.21 23.59
CA ASN A 51 14.70 -4.64 23.73
C ASN A 51 15.24 -4.36 25.14
N LYS A 52 15.62 -5.46 25.81
CA LYS A 52 16.19 -5.49 27.15
C LYS A 52 17.48 -4.69 27.23
N ASN A 53 18.31 -4.75 26.16
CA ASN A 53 19.61 -4.09 26.10
C ASN A 53 19.50 -2.57 26.11
N ILE A 54 18.44 -2.01 25.49
CA ILE A 54 18.34 -0.56 25.41
C ILE A 54 17.36 0.01 26.42
N LEU A 55 16.51 -0.82 27.04
CA LEU A 55 15.48 -0.41 28.00
C LEU A 55 16.04 0.47 29.16
N PRO A 56 17.24 0.18 29.75
CA PRO A 56 17.75 1.07 30.83
C PRO A 56 18.02 2.51 30.39
N TYR A 57 18.26 2.72 29.09
CA TYR A 57 18.63 4.02 28.56
C TYR A 57 17.46 4.76 27.96
N LEU A 58 16.24 4.22 28.12
CA LEU A 58 15.07 4.88 27.56
C LEU A 58 14.43 5.83 28.56
N SER A 59 14.11 7.07 28.12
CA SER A 59 13.38 8.06 28.91
C SER A 59 11.90 7.72 28.85
N ASP A 60 11.07 8.29 29.74
CA ASP A 60 9.62 8.02 29.77
C ASP A 60 8.95 8.39 28.44
N GLU A 61 9.40 9.51 27.82
CA GLU A 61 8.91 10.03 26.54
C GLU A 61 9.31 9.10 25.39
N GLU A 62 10.51 8.51 25.46
CA GLU A 62 11.01 7.56 24.45
C GLU A 62 10.21 6.25 24.52
N ILE A 63 9.92 5.77 25.74
CA ILE A 63 9.12 4.56 25.96
C ILE A 63 7.69 4.77 25.41
N ARG A 64 7.08 5.92 25.74
CA ARG A 64 5.75 6.34 25.29
C ARG A 64 5.66 6.31 23.78
N PHE A 65 6.69 6.81 23.06
CA PHE A 65 6.75 6.83 21.60
C PHE A 65 6.84 5.42 21.03
N ILE A 66 7.72 4.59 21.61
CA ILE A 66 7.94 3.22 21.17
C ILE A 66 6.66 2.41 21.31
N LEU A 67 6.00 2.55 22.47
CA LEU A 67 4.78 1.82 22.76
C LEU A 67 3.63 2.32 21.90
N ALA A 68 3.50 3.67 21.70
CA ALA A 68 2.46 4.23 20.84
C ALA A 68 2.58 3.72 19.40
N HIS A 69 3.81 3.62 18.88
CA HIS A 69 4.06 3.09 17.54
C HIS A 69 3.52 1.66 17.42
N GLU A 70 3.85 0.81 18.39
CA GLU A 70 3.41 -0.59 18.41
C GLU A 70 1.89 -0.73 18.57
N LEU A 71 1.32 0.05 19.49
CA LEU A 71 -0.11 0.05 19.77
C LEU A 71 -0.92 0.54 18.55
N LEU A 72 -0.36 1.45 17.72
CA LEU A 72 -1.02 1.96 16.50
C LEU A 72 -1.17 0.83 15.44
N HIS A 73 -0.34 -0.23 15.52
CA HIS A 73 -0.44 -1.38 14.63
C HIS A 73 -1.67 -2.22 14.98
N LEU A 74 -2.12 -2.16 16.24
CA LEU A 74 -3.34 -2.84 16.70
C LEU A 74 -4.57 -2.16 16.14
N LYS A 75 -4.49 -0.82 15.95
CA LYS A 75 -5.57 -0.01 15.40
C LYS A 75 -5.64 -0.04 13.86
N TYR A 76 -4.49 0.07 13.17
CA TYR A 76 -4.49 0.20 11.70
C TYR A 76 -4.03 -1.02 10.90
N GLY A 77 -3.42 -2.01 11.57
CA GLY A 77 -2.86 -3.18 10.90
C GLY A 77 -1.34 -3.09 10.83
N LYS A 78 -0.67 -4.04 10.15
CA LYS A 78 0.80 -4.08 10.14
C LYS A 78 1.47 -3.02 9.22
N TYR A 79 0.71 -2.26 8.44
CA TYR A 79 1.30 -1.27 7.54
C TYR A 79 1.15 0.17 8.01
N HIS A 80 2.20 0.96 7.76
CA HIS A 80 2.28 2.36 8.13
C HIS A 80 1.54 3.20 7.12
N ILE A 81 0.20 3.05 7.07
CA ILE A 81 -0.69 3.79 6.18
C ILE A 81 -0.65 5.27 6.60
N ASN A 82 -1.22 6.15 5.78
CA ASN A 82 -1.24 7.60 6.04
C ASN A 82 -1.82 7.96 7.39
N GLU A 83 -2.94 7.31 7.78
CA GLU A 83 -3.63 7.54 9.07
C GLU A 83 -2.74 7.20 10.25
N PHE A 84 -1.90 6.15 10.11
CA PHE A 84 -0.92 5.73 11.14
C PHE A 84 0.07 6.86 11.39
N GLU A 85 0.69 7.34 10.31
CA GLU A 85 1.67 8.40 10.29
C GLU A 85 1.11 9.71 10.86
N GLU A 86 -0.13 10.10 10.46
CA GLU A 86 -0.81 11.32 10.93
C GLU A 86 -1.06 11.27 12.42
N GLU A 87 -1.59 10.15 12.93
CA GLU A 87 -1.87 9.95 14.35
C GLU A 87 -0.61 10.02 15.18
N LEU A 88 0.46 9.35 14.74
CA LEU A 88 1.73 9.35 15.44
C LEU A 88 2.34 10.76 15.43
N LEU A 89 2.18 11.51 14.33
CA LEU A 89 2.68 12.87 14.21
C LEU A 89 1.87 13.84 15.06
N PHE A 90 0.56 13.58 15.27
CA PHE A 90 -0.30 14.38 16.15
C PHE A 90 0.14 14.20 17.62
N LEU A 91 0.42 12.95 18.06
CA LEU A 91 0.84 12.65 19.43
C LEU A 91 2.26 13.12 19.68
N PHE A 92 3.11 13.03 18.65
CA PHE A 92 4.52 13.36 18.71
C PHE A 92 4.94 14.29 17.55
N PRO A 93 4.64 15.60 17.64
CA PRO A 93 5.02 16.52 16.53
C PRO A 93 6.54 16.56 16.28
N ASN A 94 7.30 16.19 17.31
CA ASN A 94 8.76 16.15 17.39
C ASN A 94 9.34 14.75 17.16
N LYS A 95 8.55 13.78 16.66
CA LYS A 95 8.97 12.37 16.52
C LYS A 95 10.26 12.19 15.71
N GLU A 96 10.57 13.10 14.79
CA GLU A 96 11.79 13.04 13.99
C GLU A 96 13.01 13.23 14.91
N ALA A 97 12.97 14.27 15.79
CA ALA A 97 14.00 14.56 16.77
C ALA A 97 14.09 13.45 17.82
N ILE A 98 12.94 12.90 18.27
CA ILE A 98 12.87 11.82 19.26
C ILE A 98 13.72 10.65 18.79
N LEU A 99 13.43 10.18 17.56
CA LEU A 99 14.14 9.06 16.97
C LEU A 99 15.65 9.35 16.77
N ILE A 100 16.02 10.53 16.18
CA ILE A 100 17.42 10.89 15.94
C ILE A 100 18.21 11.00 17.26
N ASN A 101 17.67 11.68 18.28
CA ASN A 101 18.31 11.82 19.59
C ASN A 101 18.42 10.45 20.32
N LEU A 102 17.44 9.54 20.13
CA LEU A 102 17.45 8.20 20.74
C LEU A 102 18.54 7.35 20.15
N ILE A 103 18.65 7.31 18.81
CA ILE A 103 19.67 6.51 18.12
C ILE A 103 21.07 7.00 18.51
N ASN A 104 21.28 8.33 18.51
CA ASN A 104 22.54 8.96 18.91
C ASN A 104 22.91 8.58 20.34
N LYS A 105 21.95 8.65 21.28
CA LYS A 105 22.14 8.29 22.70
C LYS A 105 22.54 6.81 22.84
N LEU A 106 21.83 5.90 22.14
CA LEU A 106 22.09 4.45 22.17
C LEU A 106 23.44 4.08 21.56
N HIS A 107 23.90 4.87 20.57
CA HIS A 107 25.19 4.69 19.89
C HIS A 107 26.33 5.07 20.84
N GLN A 108 26.17 6.21 21.55
CA GLN A 108 27.10 6.75 22.54
C GLN A 108 27.22 5.77 23.72
N LYS A 109 26.09 5.14 24.10
CA LYS A 109 25.97 4.14 25.17
C LYS A 109 26.37 2.75 24.66
N MET B 1 8.35 -3.90 4.38
CA MET B 1 7.14 -3.10 4.16
C MET B 1 7.46 -1.88 3.29
N LYS B 2 8.46 -1.07 3.71
CA LYS B 2 8.95 0.11 2.98
C LYS B 2 9.86 -0.39 1.86
N ASP B 3 9.32 -0.47 0.63
CA ASP B 3 10.00 -0.98 -0.55
C ASP B 3 11.15 -0.08 -1.02
N ARG B 4 12.14 -0.69 -1.70
CA ARG B 4 13.33 -0.05 -2.27
C ARG B 4 12.95 0.89 -3.44
N LYS B 5 11.79 0.66 -4.09
CA LYS B 5 11.29 1.48 -5.21
C LYS B 5 10.92 2.91 -4.76
N ILE B 6 10.19 3.08 -3.61
CA ILE B 6 9.87 4.42 -3.09
C ILE B 6 11.16 5.07 -2.58
N LEU B 7 12.03 4.27 -1.95
CA LEU B 7 13.31 4.71 -1.41
C LEU B 7 14.23 5.27 -2.50
N ASN B 8 14.31 4.55 -3.64
CA ASN B 8 15.06 4.94 -4.83
C ASN B 8 14.47 6.19 -5.48
N GLU B 9 13.13 6.36 -5.40
CA GLU B 9 12.44 7.53 -5.94
C GLU B 9 12.78 8.75 -5.10
N ILE B 10 12.82 8.60 -3.77
CA ILE B 10 13.16 9.65 -2.82
C ILE B 10 14.64 10.07 -3.04
N LEU B 11 15.56 9.08 -3.16
CA LEU B 11 16.98 9.32 -3.41
C LEU B 11 17.18 10.11 -4.69
N SER B 12 16.55 9.66 -5.80
CA SER B 12 16.68 10.29 -7.11
C SER B 12 16.12 11.72 -7.07
N ASN B 13 14.99 11.96 -6.37
CA ASN B 13 14.40 13.30 -6.23
C ASN B 13 15.29 14.24 -5.42
N THR B 14 15.96 13.73 -4.36
CA THR B 14 16.85 14.52 -3.51
C THR B 14 18.15 14.88 -4.28
N ILE B 15 18.74 13.93 -5.04
CA ILE B 15 19.92 14.17 -5.88
C ILE B 15 19.63 15.30 -6.89
N ASN B 16 18.45 15.26 -7.53
CA ASN B 16 17.99 16.24 -8.52
C ASN B 16 17.81 17.63 -7.89
N GLU B 17 17.18 17.70 -6.72
CA GLU B 17 16.94 18.95 -5.98
C GLU B 17 18.24 19.60 -5.50
N LEU B 18 19.26 18.78 -5.24
CA LEU B 18 20.58 19.21 -4.80
C LEU B 18 21.54 19.43 -5.97
N ASN B 19 21.09 19.10 -7.20
CA ASN B 19 21.83 19.23 -8.46
C ASN B 19 23.27 18.69 -8.33
N LEU B 20 23.37 17.43 -7.87
CA LEU B 20 24.63 16.73 -7.68
C LEU B 20 25.24 16.39 -9.03
N ASN B 21 26.53 16.78 -9.25
CA ASN B 21 27.23 16.54 -10.52
C ASN B 21 27.39 15.03 -10.79
N ASP B 22 27.48 14.66 -12.09
CA ASP B 22 27.58 13.32 -12.68
C ASP B 22 28.16 12.22 -11.77
N LYS B 23 29.41 12.38 -11.28
CA LYS B 23 30.09 11.39 -10.43
C LYS B 23 29.51 11.35 -9.01
N LYS B 24 29.18 12.53 -8.44
CA LYS B 24 28.59 12.65 -7.09
C LYS B 24 27.15 12.14 -7.10
N ALA B 25 26.50 12.09 -8.29
CA ALA B 25 25.11 11.64 -8.49
C ALA B 25 25.02 10.10 -8.66
N ASN B 26 26.17 9.42 -8.91
CA ASN B 26 26.23 7.96 -9.07
C ASN B 26 26.24 7.28 -7.70
N ILE B 27 25.08 7.27 -7.03
CA ILE B 27 24.91 6.66 -5.69
C ILE B 27 23.72 5.72 -5.72
N LYS B 28 23.86 4.63 -4.97
CA LYS B 28 22.85 3.62 -4.74
C LYS B 28 22.36 3.75 -3.30
N ILE B 29 21.21 3.17 -3.01
CA ILE B 29 20.68 3.09 -1.65
C ILE B 29 20.31 1.63 -1.39
N LYS B 30 20.63 1.12 -0.20
CA LYS B 30 20.18 -0.24 0.09
C LYS B 30 19.82 -0.37 1.57
N ILE B 31 18.87 -1.24 1.83
CA ILE B 31 18.34 -1.51 3.15
C ILE B 31 19.18 -2.62 3.76
N LYS B 32 19.75 -2.35 4.93
CA LYS B 32 20.61 -3.29 5.64
C LYS B 32 20.52 -3.01 7.15
N PRO B 33 20.47 -4.03 8.05
CA PRO B 33 20.47 -3.72 9.48
C PRO B 33 21.82 -3.13 9.91
N LEU B 34 21.79 -2.01 10.64
CA LEU B 34 22.99 -1.31 11.15
C LEU B 34 23.06 -1.44 12.69
N LYS B 35 24.09 -0.87 13.34
CA LYS B 35 24.42 -0.97 14.76
C LYS B 35 24.28 0.42 15.50
N TRP B 36 23.04 0.96 15.61
CA TRP B 36 22.64 2.23 16.25
C TRP B 36 23.10 3.44 15.42
N LYS B 37 22.78 3.34 14.13
CA LYS B 37 23.01 4.31 13.08
C LYS B 37 21.76 4.35 12.26
N ILE B 38 21.24 5.55 12.01
CA ILE B 38 20.07 5.71 11.15
C ILE B 38 20.49 5.40 9.70
N ALA B 39 21.60 5.99 9.29
CA ALA B 39 22.17 5.80 7.96
C ALA B 39 23.69 5.92 8.01
N SER B 40 24.34 5.37 6.99
CA SER B 40 25.78 5.42 6.78
C SER B 40 26.05 5.41 5.29
N ILE B 41 27.24 5.81 4.89
CA ILE B 41 27.59 5.80 3.48
C ILE B 41 28.91 5.05 3.29
N SER B 42 28.93 4.17 2.28
CA SER B 42 30.14 3.47 1.86
C SER B 42 30.60 4.24 0.65
N LEU B 43 31.58 5.12 0.84
CA LEU B 43 32.10 5.97 -0.23
C LEU B 43 32.71 5.13 -1.38
N THR B 44 33.24 3.93 -1.08
CA THR B 44 33.81 3.01 -2.09
C THR B 44 32.70 2.24 -2.84
N ASN B 45 31.75 1.62 -2.12
CA ASN B 45 30.63 0.90 -2.73
C ASN B 45 29.64 1.89 -3.39
N LYS B 46 29.82 3.22 -3.14
CA LYS B 46 29.00 4.36 -3.59
C LYS B 46 27.53 4.08 -3.25
N THR B 47 27.32 3.73 -1.98
CA THR B 47 26.03 3.33 -1.48
C THR B 47 25.72 4.02 -0.17
N ILE B 48 24.48 4.48 -0.02
CA ILE B 48 23.91 4.94 1.25
C ILE B 48 23.20 3.71 1.82
N TYR B 49 23.53 3.34 3.05
CA TYR B 49 22.86 2.23 3.72
C TYR B 49 21.89 2.80 4.73
N ILE B 50 20.61 2.51 4.60
CA ILE B 50 19.60 2.98 5.54
C ILE B 50 19.25 1.80 6.45
N ASN B 51 19.22 2.05 7.77
CA ASN B 51 19.04 0.99 8.75
C ASN B 51 17.67 0.34 8.65
N LYS B 52 17.67 -0.98 8.38
CA LYS B 52 16.48 -1.83 8.25
C LYS B 52 15.67 -1.86 9.53
N ASN B 53 16.36 -1.82 10.69
CA ASN B 53 15.74 -1.88 12.02
C ASN B 53 14.92 -0.63 12.35
N ILE B 54 15.34 0.56 11.87
CA ILE B 54 14.60 1.80 12.19
C ILE B 54 13.76 2.33 11.01
N LEU B 55 13.93 1.74 9.81
CA LEU B 55 13.17 2.10 8.59
C LEU B 55 11.64 2.07 8.84
N PRO B 56 11.03 1.13 9.63
CA PRO B 56 9.58 1.20 9.88
C PRO B 56 9.11 2.49 10.60
N TYR B 57 10.00 3.20 11.34
CA TYR B 57 9.64 4.46 12.02
C TYR B 57 9.68 5.64 11.08
N LEU B 58 10.29 5.49 9.90
CA LEU B 58 10.55 6.61 9.02
C LEU B 58 9.46 6.92 8.00
N SER B 59 9.00 8.17 8.01
CA SER B 59 8.06 8.70 7.02
C SER B 59 8.85 9.11 5.79
N ASP B 60 8.19 9.35 4.64
CA ASP B 60 8.88 9.74 3.41
C ASP B 60 9.68 11.04 3.59
N GLU B 61 9.13 11.98 4.36
CA GLU B 61 9.73 13.27 4.69
C GLU B 61 10.97 13.10 5.60
N GLU B 62 10.93 12.13 6.51
CA GLU B 62 12.04 11.82 7.40
C GLU B 62 13.20 11.18 6.62
N ILE B 63 12.88 10.25 5.68
CA ILE B 63 13.85 9.60 4.77
C ILE B 63 14.52 10.68 3.91
N ARG B 64 13.73 11.57 3.33
CA ARG B 64 14.19 12.67 2.47
C ARG B 64 15.21 13.55 3.21
N PHE B 65 14.96 13.85 4.51
CA PHE B 65 15.85 14.66 5.33
C PHE B 65 17.17 13.93 5.58
N ILE B 66 17.09 12.63 5.94
CA ILE B 66 18.24 11.78 6.23
C ILE B 66 19.10 11.66 4.98
N LEU B 67 18.47 11.42 3.82
CA LEU B 67 19.20 11.28 2.56
C LEU B 67 19.82 12.59 2.13
N ALA B 68 19.09 13.72 2.30
CA ALA B 68 19.62 15.04 1.95
C ALA B 68 20.85 15.37 2.76
N HIS B 69 20.83 15.08 4.08
CA HIS B 69 21.96 15.33 4.96
C HIS B 69 23.20 14.57 4.48
N GLU B 70 23.06 13.25 4.20
CA GLU B 70 24.12 12.37 3.72
C GLU B 70 24.64 12.83 2.35
N LEU B 71 23.72 13.12 1.41
CA LEU B 71 24.07 13.54 0.06
C LEU B 71 24.82 14.86 0.06
N LEU B 72 24.49 15.75 1.00
CA LEU B 72 25.15 17.05 1.07
C LEU B 72 26.61 16.92 1.51
N HIS B 73 26.99 15.81 2.21
CA HIS B 73 28.38 15.56 2.60
C HIS B 73 29.20 15.12 1.39
N LEU B 74 28.56 14.50 0.39
CA LEU B 74 29.21 14.12 -0.87
C LEU B 74 29.57 15.34 -1.68
N LYS B 75 28.72 16.36 -1.61
CA LYS B 75 28.85 17.62 -2.35
C LYS B 75 29.82 18.59 -1.69
N TYR B 76 29.72 18.78 -0.34
CA TYR B 76 30.51 19.80 0.35
C TYR B 76 31.68 19.30 1.21
N GLY B 77 31.75 18.01 1.47
CA GLY B 77 32.80 17.46 2.32
C GLY B 77 32.27 17.07 3.68
N LYS B 78 33.19 16.75 4.60
CA LYS B 78 32.83 16.23 5.91
C LYS B 78 32.27 17.30 6.90
N TYR B 79 32.34 18.61 6.58
CA TYR B 79 31.87 19.64 7.51
C TYR B 79 30.61 20.40 7.05
N HIS B 80 29.80 20.80 8.03
CA HIS B 80 28.56 21.54 7.82
C HIS B 80 28.88 23.01 7.58
N ILE B 81 29.51 23.31 6.43
CA ILE B 81 29.86 24.67 6.02
C ILE B 81 28.57 25.45 5.74
N ASN B 82 28.67 26.76 5.54
CA ASN B 82 27.50 27.61 5.33
C ASN B 82 26.62 27.15 4.17
N GLU B 83 27.23 26.77 3.04
CA GLU B 83 26.53 26.32 1.83
C GLU B 83 25.71 25.05 2.10
N PHE B 84 26.25 24.16 2.96
CA PHE B 84 25.58 22.93 3.39
C PHE B 84 24.27 23.27 4.12
N GLU B 85 24.38 24.12 5.14
CA GLU B 85 23.29 24.60 5.98
C GLU B 85 22.22 25.33 5.15
N GLU B 86 22.62 26.20 4.20
CA GLU B 86 21.71 26.96 3.33
C GLU B 86 20.90 26.04 2.45
N GLU B 87 21.56 25.07 1.79
CA GLU B 87 20.91 24.11 0.90
C GLU B 87 19.91 23.23 1.66
N LEU B 88 20.29 22.74 2.85
CA LEU B 88 19.43 21.93 3.70
C LEU B 88 18.22 22.77 4.21
N LEU B 89 18.44 24.05 4.52
CA LEU B 89 17.37 24.95 4.98
C LEU B 89 16.43 25.30 3.81
N PHE B 90 16.95 25.32 2.56
CA PHE B 90 16.12 25.59 1.38
C PHE B 90 15.17 24.40 1.13
N LEU B 91 15.67 23.17 1.27
CA LEU B 91 14.86 21.96 1.08
C LEU B 91 13.91 21.71 2.25
N PHE B 92 14.30 22.15 3.46
CA PHE B 92 13.54 21.95 4.70
C PHE B 92 13.40 23.31 5.47
N PRO B 93 12.53 24.25 5.00
CA PRO B 93 12.42 25.58 5.65
C PRO B 93 11.81 25.61 7.03
N ASN B 94 10.82 24.74 7.30
CA ASN B 94 10.14 24.70 8.59
C ASN B 94 11.01 24.03 9.66
N LYS B 95 12.27 23.70 9.35
CA LYS B 95 13.21 23.02 10.25
C LYS B 95 14.35 23.93 10.75
N GLU B 96 14.23 25.25 10.54
CA GLU B 96 15.25 26.24 10.89
C GLU B 96 15.78 26.10 12.33
N ALA B 97 14.88 26.00 13.31
CA ALA B 97 15.22 25.94 14.73
C ALA B 97 15.74 24.57 15.21
N ILE B 98 15.54 23.47 14.43
CA ILE B 98 15.97 22.11 14.83
C ILE B 98 17.11 21.53 13.94
N LEU B 99 17.33 22.13 12.75
CA LEU B 99 18.24 21.73 11.66
C LEU B 99 19.65 21.30 12.13
N ILE B 100 20.36 22.16 12.87
CA ILE B 100 21.73 21.92 13.34
C ILE B 100 21.75 20.78 14.36
N ASN B 101 20.83 20.75 15.36
CA ASN B 101 20.78 19.66 16.37
C ASN B 101 20.58 18.31 15.67
N LEU B 102 19.71 18.27 14.65
CA LEU B 102 19.42 17.04 13.95
C LEU B 102 20.62 16.53 13.18
N ILE B 103 21.30 17.40 12.41
CA ILE B 103 22.44 17.00 11.59
C ILE B 103 23.63 16.62 12.47
N ASN B 104 23.83 17.32 13.60
CA ASN B 104 24.90 17.00 14.55
C ASN B 104 24.67 15.64 15.21
N LYS B 105 23.40 15.29 15.51
CA LYS B 105 23.05 14.01 16.15
C LYS B 105 23.05 12.82 15.14
N LEU B 106 23.33 13.08 13.87
CA LEU B 106 23.35 12.04 12.85
C LEU B 106 24.77 11.52 12.61
N HIS B 107 25.74 12.04 13.36
CA HIS B 107 27.14 11.65 13.25
C HIS B 107 27.50 10.72 14.38
N GLN B 108 28.16 9.60 14.03
CA GLN B 108 28.58 8.58 14.99
C GLN B 108 29.73 9.09 15.91
N LYS B 109 30.07 8.30 16.96
CA LYS B 109 31.11 8.60 17.96
C LYS B 109 32.51 8.75 17.31
N ARG C 4 -6.23 5.28 -32.96
CA ARG C 4 -4.98 5.60 -33.64
C ARG C 4 -4.25 4.32 -34.10
N LYS C 5 -3.03 4.50 -34.66
CA LYS C 5 -2.16 3.48 -35.25
C LYS C 5 -1.75 2.38 -34.27
N ILE C 6 -1.43 2.73 -33.00
CA ILE C 6 -1.01 1.75 -32.00
C ILE C 6 -2.19 0.84 -31.62
N LEU C 7 -3.41 1.43 -31.49
CA LEU C 7 -4.64 0.72 -31.18
C LEU C 7 -4.94 -0.33 -32.26
N ASN C 8 -4.80 0.05 -33.56
CA ASN C 8 -5.01 -0.83 -34.71
C ASN C 8 -3.98 -1.94 -34.75
N GLU C 9 -2.74 -1.66 -34.30
CA GLU C 9 -1.65 -2.63 -34.24
C GLU C 9 -1.94 -3.65 -33.14
N ILE C 10 -2.37 -3.16 -31.94
CA ILE C 10 -2.71 -3.98 -30.78
C ILE C 10 -3.87 -4.91 -31.13
N LEU C 11 -4.93 -4.36 -31.80
CA LEU C 11 -6.11 -5.10 -32.25
C LEU C 11 -5.70 -6.27 -33.16
N SER C 12 -4.77 -6.01 -34.10
CA SER C 12 -4.24 -7.00 -35.05
C SER C 12 -3.42 -8.07 -34.32
N ASN C 13 -2.57 -7.64 -33.35
CA ASN C 13 -1.71 -8.52 -32.55
C ASN C 13 -2.53 -9.48 -31.67
N THR C 14 -3.66 -8.99 -31.13
CA THR C 14 -4.53 -9.78 -30.24
C THR C 14 -5.29 -10.85 -31.06
N ILE C 15 -5.83 -10.48 -32.25
CA ILE C 15 -6.57 -11.39 -33.15
C ILE C 15 -5.70 -12.62 -33.51
N ASN C 16 -4.42 -12.39 -33.90
CA ASN C 16 -3.45 -13.44 -34.25
C ASN C 16 -3.21 -14.44 -33.11
N GLU C 17 -3.11 -13.93 -31.87
CA GLU C 17 -2.88 -14.71 -30.66
C GLU C 17 -4.05 -15.64 -30.32
N LEU C 18 -5.29 -15.18 -30.59
CA LEU C 18 -6.51 -15.92 -30.30
C LEU C 18 -6.93 -16.84 -31.46
N ASN C 19 -6.20 -16.78 -32.59
CA ASN C 19 -6.41 -17.56 -33.83
C ASN C 19 -7.79 -17.23 -34.46
N LEU C 20 -8.15 -15.93 -34.41
CA LEU C 20 -9.38 -15.38 -34.97
C LEU C 20 -9.14 -14.72 -36.34
N ASN C 21 -8.02 -15.08 -37.01
CA ASN C 21 -7.57 -14.57 -38.31
C ASN C 21 -8.62 -14.78 -39.43
N ASP C 22 -9.47 -15.80 -39.28
CA ASP C 22 -10.56 -16.13 -40.22
C ASP C 22 -11.68 -15.07 -40.15
N LYS C 23 -11.64 -14.21 -39.12
CA LYS C 23 -12.60 -13.15 -38.86
C LYS C 23 -11.94 -11.75 -38.85
N LYS C 24 -10.61 -11.68 -39.06
CA LYS C 24 -9.79 -10.45 -39.06
C LYS C 24 -10.27 -9.39 -40.05
N ALA C 25 -10.87 -9.80 -41.19
CA ALA C 25 -11.33 -8.90 -42.25
C ALA C 25 -12.55 -8.04 -41.84
N ASN C 26 -13.39 -8.53 -40.90
CA ASN C 26 -14.60 -7.82 -40.49
C ASN C 26 -14.51 -7.16 -39.09
N ILE C 27 -13.44 -7.42 -38.32
CA ILE C 27 -13.32 -6.85 -36.97
C ILE C 27 -12.94 -5.36 -37.08
N LYS C 28 -13.92 -4.48 -36.80
CA LYS C 28 -13.78 -3.02 -36.84
C LYS C 28 -13.86 -2.45 -35.42
N ILE C 29 -13.23 -1.28 -35.23
CA ILE C 29 -13.14 -0.59 -33.94
C ILE C 29 -13.69 0.86 -34.03
N LYS C 30 -14.47 1.27 -33.01
CA LYS C 30 -15.08 2.61 -32.95
C LYS C 30 -14.87 3.26 -31.56
N ILE C 31 -14.35 4.49 -31.53
CA ILE C 31 -14.12 5.24 -30.29
C ILE C 31 -15.31 6.17 -30.12
N LYS C 32 -15.97 6.09 -28.97
CA LYS C 32 -17.18 6.84 -28.65
C LYS C 32 -17.25 7.07 -27.12
N PRO C 33 -17.67 8.26 -26.62
CA PRO C 33 -17.78 8.42 -25.16
C PRO C 33 -18.90 7.52 -24.59
N LEU C 34 -18.56 6.76 -23.53
CA LEU C 34 -19.48 5.83 -22.85
C LEU C 34 -19.59 6.21 -21.37
N LYS C 35 -20.82 6.14 -20.80
CA LYS C 35 -21.09 6.50 -19.41
C LYS C 35 -20.58 5.44 -18.44
N TRP C 36 -19.36 5.68 -17.90
CA TRP C 36 -18.61 4.87 -16.93
C TRP C 36 -18.35 3.41 -17.40
N LYS C 37 -18.55 3.13 -18.69
CA LYS C 37 -18.29 1.83 -19.31
C LYS C 37 -16.86 1.84 -19.87
N ILE C 38 -16.26 0.67 -20.15
CA ILE C 38 -14.89 0.66 -20.68
C ILE C 38 -14.97 0.34 -22.17
N ALA C 39 -15.67 -0.76 -22.50
CA ALA C 39 -15.84 -1.20 -23.87
C ALA C 39 -17.11 -2.03 -24.02
N SER C 40 -17.51 -2.25 -25.28
CA SER C 40 -18.65 -3.07 -25.69
C SER C 40 -18.36 -3.66 -27.06
N ILE C 41 -19.11 -4.68 -27.46
CA ILE C 41 -18.95 -5.29 -28.78
C ILE C 41 -20.33 -5.49 -29.38
N SER C 42 -20.47 -5.16 -30.67
CA SER C 42 -21.66 -5.45 -31.44
C SER C 42 -21.32 -6.71 -32.21
N LEU C 43 -21.78 -7.87 -31.70
CA LEU C 43 -21.49 -9.18 -32.30
C LEU C 43 -22.05 -9.30 -33.70
N THR C 44 -23.20 -8.65 -33.96
CA THR C 44 -23.88 -8.62 -35.27
C THR C 44 -23.02 -7.91 -36.33
N ASN C 45 -22.36 -6.78 -35.95
CA ASN C 45 -21.54 -5.95 -36.85
C ASN C 45 -20.02 -6.18 -36.69
N LYS C 46 -19.60 -7.07 -35.77
CA LYS C 46 -18.19 -7.39 -35.46
C LYS C 46 -17.38 -6.11 -35.09
N THR C 47 -18.07 -5.15 -34.43
CA THR C 47 -17.56 -3.83 -34.03
C THR C 47 -17.31 -3.72 -32.52
N ILE C 48 -16.05 -3.43 -32.13
CA ILE C 48 -15.64 -3.18 -30.74
C ILE C 48 -15.71 -1.68 -30.50
N TYR C 49 -16.47 -1.25 -29.49
CA TYR C 49 -16.59 0.15 -29.09
C TYR C 49 -15.72 0.37 -27.85
N ILE C 50 -14.89 1.43 -27.83
CA ILE C 50 -14.03 1.74 -26.67
C ILE C 50 -14.35 3.15 -26.20
N ASN C 51 -14.57 3.32 -24.87
CA ASN C 51 -14.88 4.60 -24.24
C ASN C 51 -13.75 5.61 -24.47
N LYS C 52 -14.10 6.68 -25.20
CA LYS C 52 -13.25 7.80 -25.58
C LYS C 52 -12.69 8.54 -24.36
N ASN C 53 -13.49 8.65 -23.30
CA ASN C 53 -13.12 9.35 -22.07
C ASN C 53 -12.01 8.65 -21.29
N ILE C 54 -11.94 7.30 -21.34
CA ILE C 54 -10.92 6.58 -20.57
C ILE C 54 -9.74 6.12 -21.44
N LEU C 55 -9.89 6.14 -22.79
CA LEU C 55 -8.87 5.70 -23.74
C LEU C 55 -7.47 6.39 -23.48
N PRO C 56 -7.37 7.71 -23.16
CA PRO C 56 -6.04 8.31 -22.94
C PRO C 56 -5.24 7.70 -21.79
N TYR C 57 -5.91 7.19 -20.75
CA TYR C 57 -5.22 6.66 -19.60
C TYR C 57 -4.91 5.15 -19.72
N LEU C 58 -5.39 4.48 -20.81
CA LEU C 58 -5.16 3.04 -21.02
C LEU C 58 -3.74 2.73 -21.49
N SER C 59 -3.07 1.79 -20.79
CA SER C 59 -1.75 1.29 -21.17
C SER C 59 -1.94 0.24 -22.27
N ASP C 60 -0.86 -0.15 -22.98
CA ASP C 60 -0.94 -1.15 -24.05
C ASP C 60 -1.46 -2.50 -23.52
N GLU C 61 -1.05 -2.87 -22.28
CA GLU C 61 -1.44 -4.10 -21.60
C GLU C 61 -2.95 -4.07 -21.21
N GLU C 62 -3.46 -2.88 -20.84
CA GLU C 62 -4.86 -2.67 -20.49
C GLU C 62 -5.73 -2.78 -21.74
N ILE C 63 -5.28 -2.18 -22.86
CA ILE C 63 -5.96 -2.25 -24.16
C ILE C 63 -6.04 -3.73 -24.62
N ARG C 64 -4.91 -4.46 -24.53
CA ARG C 64 -4.78 -5.87 -24.88
C ARG C 64 -5.82 -6.71 -24.14
N PHE C 65 -6.01 -6.45 -22.82
CA PHE C 65 -6.98 -7.17 -21.99
C PHE C 65 -8.41 -6.86 -22.43
N ILE C 66 -8.71 -5.57 -22.66
CA ILE C 66 -10.03 -5.08 -23.06
C ILE C 66 -10.39 -5.70 -24.41
N LEU C 67 -9.44 -5.70 -25.35
CA LEU C 67 -9.64 -6.23 -26.69
C LEU C 67 -9.78 -7.75 -26.67
N ALA C 68 -8.99 -8.48 -25.84
CA ALA C 68 -9.08 -9.94 -25.70
C ALA C 68 -10.44 -10.35 -25.17
N HIS C 69 -10.95 -9.59 -24.17
CA HIS C 69 -12.26 -9.87 -23.58
C HIS C 69 -13.34 -9.80 -24.66
N GLU C 70 -13.35 -8.73 -25.46
CA GLU C 70 -14.32 -8.51 -26.51
C GLU C 70 -14.20 -9.55 -27.64
N LEU C 71 -12.97 -9.85 -28.05
CA LEU C 71 -12.69 -10.82 -29.10
C LEU C 71 -13.09 -12.25 -28.70
N LEU C 72 -13.02 -12.57 -27.40
CA LEU C 72 -13.43 -13.89 -26.89
C LEU C 72 -14.97 -14.09 -27.02
N HIS C 73 -15.74 -12.99 -27.10
CA HIS C 73 -17.20 -13.06 -27.30
C HIS C 73 -17.50 -13.48 -28.75
N LEU C 74 -16.58 -13.19 -29.69
CA LEU C 74 -16.71 -13.59 -31.09
C LEU C 74 -16.50 -15.09 -31.24
N LYS C 75 -15.66 -15.67 -30.37
CA LYS C 75 -15.35 -17.09 -30.35
C LYS C 75 -16.39 -17.93 -29.58
N TYR C 76 -16.84 -17.47 -28.40
CA TYR C 76 -17.72 -18.27 -27.55
C TYR C 76 -19.18 -17.84 -27.45
N GLY C 77 -19.50 -16.63 -27.90
CA GLY C 77 -20.86 -16.10 -27.77
C GLY C 77 -20.92 -15.02 -26.70
N LYS C 78 -22.12 -14.44 -26.49
CA LYS C 78 -22.29 -13.32 -25.55
C LYS C 78 -22.14 -13.70 -24.06
N TYR C 79 -22.03 -15.00 -23.74
CA TYR C 79 -21.93 -15.41 -22.34
C TYR C 79 -20.53 -15.85 -21.92
N HIS C 80 -20.18 -15.52 -20.67
CA HIS C 80 -18.89 -15.83 -20.08
C HIS C 80 -18.90 -17.27 -19.56
N ILE C 81 -18.95 -18.22 -20.51
CA ILE C 81 -18.95 -19.66 -20.22
C ILE C 81 -17.57 -20.03 -19.63
N ASN C 82 -17.44 -21.26 -19.12
CA ASN C 82 -16.19 -21.72 -18.50
C ASN C 82 -14.97 -21.57 -19.39
N GLU C 83 -15.11 -21.96 -20.68
CA GLU C 83 -14.04 -21.90 -21.68
C GLU C 83 -13.56 -20.47 -21.90
N PHE C 84 -14.49 -19.49 -21.84
CA PHE C 84 -14.19 -18.05 -21.99
C PHE C 84 -13.25 -17.63 -20.86
N GLU C 85 -13.67 -17.91 -19.62
CA GLU C 85 -12.97 -17.61 -18.38
C GLU C 85 -11.57 -18.23 -18.35
N GLU C 86 -11.45 -19.53 -18.74
CA GLU C 86 -10.19 -20.28 -18.78
C GLU C 86 -9.19 -19.65 -19.77
N GLU C 87 -9.66 -19.36 -21.00
CA GLU C 87 -8.85 -18.75 -22.05
C GLU C 87 -8.34 -17.38 -21.65
N LEU C 88 -9.21 -16.54 -21.08
CA LEU C 88 -8.86 -15.20 -20.62
C LEU C 88 -7.85 -15.29 -19.46
N LEU C 89 -8.01 -16.29 -18.57
CA LEU C 89 -7.10 -16.49 -17.43
C LEU C 89 -5.75 -17.02 -17.91
N PHE C 90 -5.72 -17.78 -19.02
CA PHE C 90 -4.47 -18.29 -19.60
C PHE C 90 -3.65 -17.14 -20.19
N LEU C 91 -4.32 -16.21 -20.92
CA LEU C 91 -3.67 -15.04 -21.52
C LEU C 91 -3.27 -14.01 -20.49
N PHE C 92 -4.08 -13.90 -19.41
CA PHE C 92 -3.89 -12.93 -18.35
C PHE C 92 -3.98 -13.61 -16.96
N PRO C 93 -2.90 -14.30 -16.50
CA PRO C 93 -2.95 -14.96 -15.19
C PRO C 93 -3.16 -13.97 -14.02
N ASN C 94 -2.91 -12.67 -14.28
CA ASN C 94 -3.07 -11.54 -13.35
C ASN C 94 -4.22 -10.59 -13.78
N LYS C 95 -5.28 -11.15 -14.42
CA LYS C 95 -6.44 -10.36 -14.92
C LYS C 95 -7.17 -9.66 -13.76
N GLU C 96 -7.17 -10.27 -12.56
CA GLU C 96 -7.78 -9.73 -11.34
C GLU C 96 -7.09 -8.41 -10.95
N ALA C 97 -5.74 -8.40 -10.95
CA ALA C 97 -4.95 -7.20 -10.64
C ALA C 97 -5.08 -6.15 -11.75
N ILE C 98 -5.13 -6.58 -13.05
CA ILE C 98 -5.26 -5.67 -14.21
C ILE C 98 -6.51 -4.81 -14.04
N LEU C 99 -7.64 -5.47 -13.74
CA LEU C 99 -8.93 -4.83 -13.58
C LEU C 99 -8.97 -3.91 -12.36
N ILE C 100 -8.48 -4.38 -11.19
CA ILE C 100 -8.48 -3.60 -9.94
C ILE C 100 -7.57 -2.35 -10.07
N ASN C 101 -6.35 -2.50 -10.62
CA ASN C 101 -5.41 -1.39 -10.81
C ASN C 101 -5.91 -0.37 -11.84
N LEU C 102 -6.63 -0.84 -12.90
CA LEU C 102 -7.18 0.03 -13.94
C LEU C 102 -8.28 0.94 -13.39
N ILE C 103 -9.25 0.36 -12.66
CA ILE C 103 -10.40 1.05 -12.06
C ILE C 103 -9.89 2.05 -11.01
N ASN C 104 -8.86 1.64 -10.23
CA ASN C 104 -8.22 2.49 -9.23
C ASN C 104 -7.55 3.70 -9.91
N LYS C 105 -6.90 3.46 -11.07
CA LYS C 105 -6.22 4.48 -11.87
C LYS C 105 -7.24 5.43 -12.50
N LEU C 106 -8.42 4.89 -12.88
CA LEU C 106 -9.53 5.60 -13.51
C LEU C 106 -10.32 6.48 -12.53
N HIS C 107 -10.36 6.12 -11.23
CA HIS C 107 -11.08 6.92 -10.22
C HIS C 107 -10.33 8.22 -9.91
N GLN C 108 -8.98 8.21 -10.04
CA GLN C 108 -8.12 9.38 -9.80
C GLN C 108 -8.19 10.36 -11.00
N LYS C 109 -8.57 9.83 -12.20
CA LYS C 109 -8.70 10.47 -13.51
C LYS C 109 -7.36 11.08 -13.95
N ASP D 3 -27.58 -12.12 -13.39
CA ASP D 3 -26.39 -12.51 -12.62
C ASP D 3 -26.63 -12.43 -11.10
N ARG D 4 -27.70 -11.72 -10.65
CA ARG D 4 -28.06 -11.50 -9.24
C ARG D 4 -28.38 -12.81 -8.48
N LYS D 5 -28.89 -13.86 -9.16
CA LYS D 5 -29.20 -15.15 -8.53
C LYS D 5 -27.92 -15.82 -8.02
N ILE D 6 -26.86 -15.82 -8.85
CA ILE D 6 -25.55 -16.40 -8.52
C ILE D 6 -24.87 -15.47 -7.49
N LEU D 7 -24.99 -14.14 -7.70
CA LEU D 7 -24.42 -13.06 -6.89
C LEU D 7 -24.87 -13.11 -5.42
N ASN D 8 -26.18 -13.32 -5.21
CA ASN D 8 -26.79 -13.47 -3.89
C ASN D 8 -26.33 -14.76 -3.21
N GLU D 9 -26.07 -15.82 -4.00
CA GLU D 9 -25.58 -17.10 -3.50
C GLU D 9 -24.14 -16.93 -2.99
N ILE D 10 -23.30 -16.20 -3.76
CA ILE D 10 -21.91 -15.91 -3.42
C ILE D 10 -21.87 -15.03 -2.14
N LEU D 11 -22.72 -13.98 -2.05
CA LEU D 11 -22.80 -13.12 -0.88
C LEU D 11 -23.17 -13.92 0.37
N SER D 12 -24.23 -14.75 0.29
CA SER D 12 -24.70 -15.57 1.41
C SER D 12 -23.62 -16.58 1.87
N ASN D 13 -22.90 -17.18 0.91
CA ASN D 13 -21.82 -18.13 1.21
C ASN D 13 -20.62 -17.44 1.89
N THR D 14 -20.29 -16.19 1.47
CA THR D 14 -19.18 -15.42 2.03
C THR D 14 -19.53 -14.95 3.46
N ILE D 15 -20.77 -14.48 3.69
CA ILE D 15 -21.26 -14.07 5.03
C ILE D 15 -21.11 -15.26 6.02
N ASN D 16 -21.52 -16.47 5.57
CA ASN D 16 -21.47 -17.70 6.36
C ASN D 16 -20.04 -18.11 6.71
N GLU D 17 -19.13 -18.05 5.71
CA GLU D 17 -17.71 -18.39 5.87
C GLU D 17 -16.99 -17.41 6.82
N LEU D 18 -17.47 -16.15 6.88
CA LEU D 18 -16.93 -15.09 7.74
C LEU D 18 -17.66 -15.03 9.09
N ASN D 19 -18.71 -15.86 9.27
CA ASN D 19 -19.56 -15.97 10.48
C ASN D 19 -19.94 -14.57 11.04
N LEU D 20 -20.69 -13.78 10.25
CA LEU D 20 -21.13 -12.44 10.63
C LEU D 20 -22.36 -12.48 11.53
N ASN D 21 -22.37 -11.61 12.57
CA ASN D 21 -23.45 -11.45 13.53
C ASN D 21 -24.71 -10.93 12.81
N ASP D 22 -25.92 -11.39 13.21
CA ASP D 22 -27.25 -11.09 12.62
C ASP D 22 -27.41 -9.65 12.06
N LYS D 23 -26.99 -8.62 12.84
CA LYS D 23 -27.05 -7.20 12.45
C LYS D 23 -26.17 -6.94 11.20
N LYS D 24 -24.93 -7.45 11.22
CA LYS D 24 -23.95 -7.34 10.13
C LYS D 24 -24.15 -8.46 9.10
N ALA D 25 -25.16 -9.36 9.28
CA ALA D 25 -25.43 -10.49 8.38
C ALA D 25 -26.66 -10.26 7.48
N ASN D 26 -27.47 -9.22 7.77
CA ASN D 26 -28.64 -8.88 6.96
C ASN D 26 -28.26 -7.80 5.93
N ILE D 27 -27.28 -8.13 5.07
CA ILE D 27 -26.80 -7.23 4.02
C ILE D 27 -27.34 -7.69 2.68
N LYS D 28 -27.67 -6.73 1.82
CA LYS D 28 -28.16 -6.96 0.47
C LYS D 28 -27.07 -6.62 -0.55
N ILE D 29 -27.21 -7.12 -1.77
CA ILE D 29 -26.30 -6.80 -2.86
C ILE D 29 -27.12 -6.26 -4.04
N LYS D 30 -26.66 -5.15 -4.63
CA LYS D 30 -27.36 -4.54 -5.76
C LYS D 30 -26.40 -4.21 -6.89
N ILE D 31 -26.82 -4.50 -8.12
CA ILE D 31 -26.09 -4.20 -9.34
C ILE D 31 -26.54 -2.82 -9.80
N LYS D 32 -25.60 -1.89 -9.89
CA LYS D 32 -25.84 -0.50 -10.27
C LYS D 32 -24.57 0.05 -10.94
N PRO D 33 -24.67 0.87 -12.02
CA PRO D 33 -23.44 1.45 -12.60
C PRO D 33 -22.79 2.42 -11.62
N LEU D 34 -21.47 2.28 -11.43
CA LEU D 34 -20.68 3.12 -10.51
C LEU D 34 -19.61 3.92 -11.22
N LYS D 35 -19.27 5.08 -10.65
CA LYS D 35 -18.29 6.03 -11.16
C LYS D 35 -16.86 5.57 -10.79
N TRP D 36 -16.36 4.57 -11.55
CA TRP D 36 -15.02 3.96 -11.45
C TRP D 36 -14.71 3.42 -10.05
N LYS D 37 -15.66 2.65 -9.52
CA LYS D 37 -15.54 1.92 -8.27
C LYS D 37 -15.99 0.51 -8.56
N ILE D 38 -15.17 -0.50 -8.18
CA ILE D 38 -15.55 -1.91 -8.40
C ILE D 38 -16.78 -2.21 -7.53
N ALA D 39 -16.68 -1.83 -6.25
CA ALA D 39 -17.76 -1.99 -5.29
C ALA D 39 -17.73 -0.87 -4.25
N SER D 40 -18.86 -0.68 -3.59
CA SER D 40 -19.08 0.30 -2.53
C SER D 40 -20.14 -0.23 -1.59
N ILE D 41 -20.24 0.33 -0.40
CA ILE D 41 -21.25 -0.06 0.56
C ILE D 41 -21.94 1.20 1.08
N SER D 42 -23.28 1.21 1.11
CA SER D 42 -24.01 2.32 1.70
C SER D 42 -24.50 1.80 3.04
N LEU D 43 -23.71 2.07 4.08
CA LEU D 43 -23.97 1.62 5.45
C LEU D 43 -25.35 2.07 5.94
N THR D 44 -25.87 3.20 5.38
CA THR D 44 -27.19 3.77 5.69
C THR D 44 -28.34 2.86 5.22
N ASN D 45 -28.14 2.14 4.09
CA ASN D 45 -29.13 1.22 3.51
C ASN D 45 -28.71 -0.25 3.70
N LYS D 46 -27.50 -0.47 4.29
CA LYS D 46 -26.86 -1.76 4.55
C LYS D 46 -26.94 -2.65 3.28
N THR D 47 -26.34 -2.16 2.19
CA THR D 47 -26.32 -2.81 0.88
C THR D 47 -24.94 -2.64 0.24
N ILE D 48 -24.43 -3.70 -0.39
CA ILE D 48 -23.21 -3.66 -1.16
C ILE D 48 -23.62 -3.39 -2.60
N TYR D 49 -23.04 -2.35 -3.20
CA TYR D 49 -23.28 -2.04 -4.59
C TYR D 49 -22.10 -2.55 -5.42
N ILE D 50 -22.36 -3.41 -6.40
CA ILE D 50 -21.32 -3.93 -7.29
C ILE D 50 -21.53 -3.22 -8.64
N ASN D 51 -20.44 -2.70 -9.23
CA ASN D 51 -20.50 -1.94 -10.46
C ASN D 51 -20.96 -2.79 -11.65
N LYS D 52 -22.09 -2.38 -12.24
CA LYS D 52 -22.73 -3.01 -13.41
C LYS D 52 -21.80 -2.99 -14.63
N ASN D 53 -21.02 -1.91 -14.79
CA ASN D 53 -20.11 -1.72 -15.91
C ASN D 53 -18.92 -2.70 -15.90
N ILE D 54 -18.45 -3.12 -14.71
CA ILE D 54 -17.29 -4.03 -14.66
C ILE D 54 -17.68 -5.47 -14.31
N LEU D 55 -18.95 -5.70 -13.88
CA LEU D 55 -19.49 -7.02 -13.53
C LEU D 55 -19.27 -8.05 -14.67
N PRO D 56 -19.40 -7.74 -16.00
CA PRO D 56 -19.10 -8.76 -17.03
C PRO D 56 -17.65 -9.30 -17.01
N TYR D 57 -16.69 -8.51 -16.49
CA TYR D 57 -15.26 -8.89 -16.37
C TYR D 57 -14.98 -9.76 -15.13
N LEU D 58 -15.97 -9.95 -14.25
CA LEU D 58 -15.76 -10.65 -12.98
C LEU D 58 -16.18 -12.13 -12.97
N SER D 59 -15.24 -12.99 -12.60
CA SER D 59 -15.48 -14.43 -12.40
C SER D 59 -16.10 -14.61 -11.01
N ASP D 60 -16.65 -15.80 -10.71
CA ASP D 60 -17.27 -16.08 -9.40
C ASP D 60 -16.26 -15.90 -8.25
N GLU D 61 -14.99 -16.31 -8.49
CA GLU D 61 -13.89 -16.21 -7.54
C GLU D 61 -13.48 -14.74 -7.31
N GLU D 62 -13.54 -13.92 -8.36
CA GLU D 62 -13.24 -12.49 -8.28
C GLU D 62 -14.32 -11.75 -7.49
N ILE D 63 -15.61 -12.09 -7.72
CA ILE D 63 -16.78 -11.54 -7.00
C ILE D 63 -16.64 -11.89 -5.51
N ARG D 64 -16.34 -13.16 -5.21
CA ARG D 64 -16.16 -13.70 -3.86
C ARG D 64 -15.09 -12.90 -3.11
N PHE D 65 -13.96 -12.58 -3.76
CA PHE D 65 -12.88 -11.79 -3.17
C PHE D 65 -13.32 -10.36 -2.88
N ILE D 66 -13.98 -9.71 -3.85
CA ILE D 66 -14.48 -8.34 -3.73
C ILE D 66 -15.51 -8.25 -2.59
N LEU D 67 -16.43 -9.21 -2.52
CA LEU D 67 -17.44 -9.24 -1.47
C LEU D 67 -16.84 -9.52 -0.11
N ALA D 68 -15.87 -10.46 -0.03
CA ALA D 68 -15.19 -10.78 1.22
C ALA D 68 -14.46 -9.58 1.77
N HIS D 69 -13.76 -8.82 0.91
CA HIS D 69 -13.04 -7.63 1.30
C HIS D 69 -14.00 -6.62 1.94
N GLU D 70 -15.13 -6.31 1.27
CA GLU D 70 -16.18 -5.38 1.73
C GLU D 70 -16.81 -5.85 3.02
N LEU D 71 -17.20 -7.15 3.09
CA LEU D 71 -17.84 -7.73 4.26
C LEU D 71 -16.95 -7.69 5.48
N LEU D 72 -15.63 -7.84 5.27
CA LEU D 72 -14.68 -7.83 6.37
C LEU D 72 -14.55 -6.44 7.00
N HIS D 73 -14.88 -5.35 6.27
CA HIS D 73 -14.88 -3.99 6.80
C HIS D 73 -16.08 -3.78 7.72
N LEU D 74 -17.19 -4.51 7.50
CA LEU D 74 -18.37 -4.47 8.37
C LEU D 74 -18.06 -5.10 9.72
N LYS D 75 -17.24 -6.16 9.69
CA LYS D 75 -16.86 -6.92 10.87
C LYS D 75 -15.75 -6.26 11.68
N TYR D 76 -14.69 -5.74 11.02
CA TYR D 76 -13.52 -5.22 11.72
C TYR D 76 -13.34 -3.70 11.72
N GLY D 77 -14.10 -2.97 10.91
CA GLY D 77 -13.95 -1.52 10.82
C GLY D 77 -13.27 -1.11 9.53
N LYS D 78 -12.91 0.17 9.37
CA LYS D 78 -12.34 0.66 8.10
C LYS D 78 -10.84 0.31 7.87
N TYR D 79 -10.16 -0.27 8.88
CA TYR D 79 -8.74 -0.58 8.75
C TYR D 79 -8.46 -2.08 8.59
N HIS D 80 -7.43 -2.36 7.79
CA HIS D 80 -6.98 -3.72 7.50
C HIS D 80 -6.09 -4.23 8.64
N ILE D 81 -6.71 -4.44 9.82
CA ILE D 81 -6.06 -4.94 11.03
C ILE D 81 -5.60 -6.37 10.78
N ASN D 82 -4.79 -6.94 11.68
CA ASN D 82 -4.25 -8.29 11.52
C ASN D 82 -5.34 -9.35 11.30
N GLU D 83 -6.44 -9.29 12.07
CA GLU D 83 -7.55 -10.24 12.00
C GLU D 83 -8.21 -10.20 10.63
N PHE D 84 -8.30 -9.01 10.02
CA PHE D 84 -8.86 -8.79 8.68
C PHE D 84 -8.01 -9.57 7.64
N GLU D 85 -6.71 -9.33 7.66
CA GLU D 85 -5.71 -9.93 6.79
C GLU D 85 -5.69 -11.47 6.92
N GLU D 86 -5.73 -12.00 8.17
CA GLU D 86 -5.73 -13.44 8.46
C GLU D 86 -6.96 -14.12 7.88
N GLU D 87 -8.16 -13.54 8.13
CA GLU D 87 -9.44 -14.07 7.64
C GLU D 87 -9.48 -14.10 6.12
N LEU D 88 -9.03 -13.01 5.48
CA LEU D 88 -8.98 -12.92 4.01
C LEU D 88 -7.96 -13.92 3.42
N LEU D 89 -6.83 -14.14 4.11
CA LEU D 89 -5.81 -15.10 3.70
C LEU D 89 -6.31 -16.55 3.88
N PHE D 90 -7.19 -16.79 4.88
CA PHE D 90 -7.77 -18.11 5.11
C PHE D 90 -8.74 -18.46 3.97
N LEU D 91 -9.56 -17.49 3.54
CA LEU D 91 -10.52 -17.68 2.46
C LEU D 91 -9.84 -17.72 1.10
N PHE D 92 -8.72 -16.99 0.94
CA PHE D 92 -7.95 -16.88 -0.30
C PHE D 92 -6.44 -17.16 -0.04
N PRO D 93 -6.02 -18.44 0.13
CA PRO D 93 -4.60 -18.73 0.43
C PRO D 93 -3.58 -18.46 -0.69
N ASN D 94 -3.94 -18.73 -1.96
CA ASN D 94 -3.00 -18.58 -3.09
C ASN D 94 -2.88 -17.12 -3.59
N LYS D 95 -3.22 -16.16 -2.71
CA LYS D 95 -3.17 -14.73 -2.97
C LYS D 95 -2.27 -13.99 -1.95
N GLU D 96 -1.49 -14.75 -1.14
CA GLU D 96 -0.62 -14.24 -0.07
C GLU D 96 0.24 -13.03 -0.47
N ALA D 97 0.98 -13.10 -1.59
CA ALA D 97 1.89 -12.02 -2.01
C ALA D 97 1.19 -10.81 -2.67
N ILE D 98 -0.05 -10.93 -3.13
CA ILE D 98 -0.72 -9.80 -3.80
C ILE D 98 -1.97 -9.29 -3.01
N LEU D 99 -2.38 -10.01 -1.95
CA LEU D 99 -3.55 -9.76 -1.10
C LEU D 99 -3.68 -8.30 -0.63
N ILE D 100 -2.60 -7.80 -0.02
CA ILE D 100 -2.51 -6.47 0.59
C ILE D 100 -2.47 -5.39 -0.50
N ASN D 101 -1.79 -5.65 -1.61
CA ASN D 101 -1.72 -4.70 -2.72
C ASN D 101 -3.08 -4.60 -3.43
N LEU D 102 -3.85 -5.71 -3.49
CA LEU D 102 -5.18 -5.72 -4.09
C LEU D 102 -6.19 -4.96 -3.23
N ILE D 103 -6.27 -5.25 -1.90
CA ILE D 103 -7.25 -4.64 -0.98
C ILE D 103 -7.00 -3.13 -0.83
N ASN D 104 -5.74 -2.69 -0.90
CA ASN D 104 -5.37 -1.27 -0.89
C ASN D 104 -5.85 -0.58 -2.17
N LYS D 105 -5.81 -1.30 -3.31
CA LYS D 105 -6.21 -0.79 -4.63
C LYS D 105 -7.74 -0.80 -4.81
N LEU D 106 -8.48 -1.28 -3.79
CA LEU D 106 -9.94 -1.27 -3.80
C LEU D 106 -10.43 -0.06 -3.00
N HIS D 107 -9.48 0.75 -2.49
CA HIS D 107 -9.78 1.94 -1.70
C HIS D 107 -9.48 3.18 -2.51
N GLN D 108 -10.55 3.95 -2.77
CA GLN D 108 -10.49 5.19 -3.54
C GLN D 108 -10.18 6.37 -2.62
N LYS D 109 -9.26 7.24 -3.05
CA LYS D 109 -8.84 8.42 -2.28
C LYS D 109 -9.69 9.62 -2.65
ZN ZN E . 5.50 -0.09 12.69
C1 GOL F . 8.61 -1.53 13.89
O1 GOL F . 8.95 -1.50 15.26
C2 GOL F . 7.14 -1.83 13.69
O2 GOL F . 6.77 -1.60 12.33
C3 GOL F . 6.84 -3.27 14.08
O3 GOL F . 5.54 -3.39 14.61
CL CL G . 10.82 -11.78 19.09
ZN ZN H . 26.50 15.96 8.81
C1 GOL I . 30.53 17.92 10.87
O1 GOL I . 30.49 19.29 11.27
C2 GOL I . 31.68 17.20 11.52
O2 GOL I . 31.52 17.22 12.95
C3 GOL I . 31.75 15.76 11.03
O3 GOL I . 32.97 15.16 11.43
C1 GOL J . 18.89 29.45 0.01
O1 GOL J . 18.92 29.04 1.38
C2 GOL J . 20.04 28.88 -0.81
O2 GOL J . 21.29 29.41 -0.36
C3 GOL J . 20.08 27.37 -0.86
O3 GOL J . 20.83 26.89 -1.99
ZN ZN K . -17.88 -9.81 -21.78
C1 GOL L . -19.83 -6.33 -23.37
O1 GOL L . -19.22 -7.12 -24.38
C2 GOL L . -19.35 -6.73 -21.99
O2 GOL L . -19.64 -8.12 -21.75
C3 GOL L . -17.88 -6.47 -21.74
O3 GOL L . -17.54 -5.11 -21.96
ZN ZN M . -10.12 -2.51 2.52
#